data_1HE2
#
_entry.id   1HE2
#
_cell.length_a   40.200
_cell.length_b   49.200
_cell.length_c   106.900
_cell.angle_alpha   90.00
_cell.angle_beta   90.00
_cell.angle_gamma   90.00
#
_symmetry.space_group_name_H-M   'P 21 21 21'
#
loop_
_entity.id
_entity.type
_entity.pdbx_description
1 polymer 'Flavin reductase (NADPH)'
2 non-polymer 'NADP NICOTINAMIDE-ADENINE-DINUCLEOTIDE PHOSPHATE'
3 non-polymer 'BILIVERDINE IX ALPHA'
4 water water
#
_entity_poly.entity_id   1
_entity_poly.type   'polypeptide(L)'
_entity_poly.pdbx_seq_one_letter_code
;MAVKKIAIFGATGQTGLTTLAQAVQAGYEVTVLVRDSSRLPSEGPRPAHVVVGDVLQAADVDKTVAGQDAVIVLLGTRND
LSPTTVMSEGARNIVAAMKAHGVDKVVACTSAFLLWDPTKVPPRLQAVTDDHIRMHKVLRESGLKYVAVMPPHIGDQPLT
GAYTVTLDGRGPSRVISKHDLGHFMLRCLTTDEYDGHSTYPSHQYQ
;
_entity_poly.pdbx_strand_id   A
#
loop_
_chem_comp.id
_chem_comp.type
_chem_comp.name
_chem_comp.formula
BLA non-polymer 'BILIVERDINE IX ALPHA' 'C33 H34 N4 O6'
NAP non-polymer 'NADP NICOTINAMIDE-ADENINE-DINUCLEOTIDE PHOSPHATE' 'C21 H28 N7 O17 P3'
#
# COMPACT_ATOMS: atom_id res chain seq x y z
N MET A 1 -8.21 8.64 19.78
CA MET A 1 -7.15 7.61 19.75
C MET A 1 -6.43 7.47 18.42
N ALA A 2 -5.12 7.86 18.35
CA ALA A 2 -4.51 7.70 17.04
C ALA A 2 -3.99 6.28 16.75
N VAL A 3 -3.73 6.01 15.49
CA VAL A 3 -3.07 4.76 15.10
C VAL A 3 -1.69 4.67 15.72
N LYS A 4 -1.42 3.51 16.36
CA LYS A 4 -0.08 3.23 16.88
C LYS A 4 0.55 1.97 16.26
N LYS A 5 -0.25 0.92 16.08
CA LYS A 5 0.19 -0.37 15.59
C LYS A 5 -0.26 -0.55 14.17
N ILE A 6 0.67 -0.83 13.24
CA ILE A 6 0.26 -1.08 11.87
C ILE A 6 0.91 -2.35 11.32
N ALA A 7 0.22 -2.97 10.39
CA ALA A 7 0.79 -3.99 9.53
C ALA A 7 1.09 -3.40 8.18
N ILE A 8 2.24 -3.75 7.63
CA ILE A 8 2.57 -3.41 6.25
C ILE A 8 2.74 -4.69 5.45
N PHE A 9 2.01 -4.79 4.32
CA PHE A 9 2.15 -5.84 3.35
C PHE A 9 2.96 -5.30 2.18
N GLY A 10 3.89 -6.06 1.65
CA GLY A 10 4.76 -5.56 0.61
C GLY A 10 5.89 -4.72 1.16
N ALA A 11 6.32 -4.89 2.38
CA ALA A 11 7.36 -4.06 2.99
C ALA A 11 8.74 -4.25 2.40
N THR A 12 8.98 -5.34 1.67
CA THR A 12 10.30 -5.54 1.08
C THR A 12 10.41 -5.01 -0.33
N GLY A 13 9.34 -4.46 -0.86
CA GLY A 13 9.39 -3.87 -2.18
C GLY A 13 9.98 -2.48 -2.15
N GLN A 14 10.02 -1.87 -3.35
CA GLN A 14 10.72 -0.58 -3.47
C GLN A 14 10.06 0.48 -2.57
N THR A 15 8.74 0.61 -2.65
CA THR A 15 8.03 1.56 -1.82
C THR A 15 7.92 1.06 -0.41
N GLY A 16 7.71 -0.25 -0.26
CA GLY A 16 7.57 -0.83 1.08
C GLY A 16 8.76 -0.58 1.98
N LEU A 17 9.96 -0.70 1.43
CA LEU A 17 11.16 -0.59 2.29
C LEU A 17 11.21 0.81 2.92
N THR A 18 10.97 1.86 2.10
CA THR A 18 11.07 3.20 2.65
C THR A 18 9.84 3.52 3.49
N THR A 19 8.67 2.99 3.16
CA THR A 19 7.52 3.18 4.04
C THR A 19 7.73 2.59 5.41
N LEU A 20 8.29 1.35 5.42
CA LEU A 20 8.64 0.69 6.67
C LEU A 20 9.64 1.53 7.48
N ALA A 21 10.75 1.97 6.85
CA ALA A 21 11.75 2.76 7.57
C ALA A 21 11.12 4.03 8.14
N GLN A 22 10.33 4.71 7.33
CA GLN A 22 9.67 5.94 7.77
C GLN A 22 8.69 5.70 8.91
N ALA A 23 7.94 4.60 8.81
CA ALA A 23 6.95 4.32 9.83
C ALA A 23 7.60 4.08 11.18
N VAL A 24 8.70 3.29 11.15
CA VAL A 24 9.37 3.03 12.43
C VAL A 24 9.98 4.32 12.97
N GLN A 25 10.61 5.10 12.09
CA GLN A 25 11.25 6.34 12.55
C GLN A 25 10.18 7.26 13.13
N ALA A 26 8.97 7.26 12.62
CA ALA A 26 7.87 8.12 13.06
C ALA A 26 7.23 7.65 14.35
N GLY A 27 7.58 6.47 14.82
CA GLY A 27 7.04 6.04 16.11
C GLY A 27 6.03 4.92 16.06
N TYR A 28 5.66 4.44 14.88
CA TYR A 28 4.70 3.35 14.76
C TYR A 28 5.33 2.04 15.23
N GLU A 29 4.52 1.15 15.81
CA GLU A 29 4.86 -0.23 16.13
C GLU A 29 4.45 -1.06 14.92
N VAL A 30 5.43 -1.50 14.15
CA VAL A 30 5.18 -2.05 12.83
C VAL A 30 5.38 -3.56 12.78
N THR A 31 4.40 -4.24 12.23
CA THR A 31 4.49 -5.65 11.86
C THR A 31 4.53 -5.81 10.38
N VAL A 32 5.39 -6.68 9.87
CA VAL A 32 5.46 -6.95 8.45
C VAL A 32 5.27 -8.44 8.20
N LEU A 33 4.66 -8.80 7.08
CA LEU A 33 4.57 -10.16 6.55
C LEU A 33 5.53 -10.24 5.38
N VAL A 34 6.52 -11.13 5.46
CA VAL A 34 7.49 -11.29 4.38
C VAL A 34 7.67 -12.77 4.08
N ARG A 35 7.84 -13.09 2.83
CA ARG A 35 8.14 -14.49 2.45
C ARG A 35 9.58 -14.82 2.75
N ASP A 36 10.46 -13.88 2.63
CA ASP A 36 11.91 -14.05 2.75
C ASP A 36 12.51 -12.91 3.53
N SER A 37 12.88 -13.20 4.81
CA SER A 37 13.34 -12.17 5.74
C SER A 37 14.71 -11.61 5.34
N SER A 38 15.45 -12.28 4.48
CA SER A 38 16.71 -11.75 3.99
C SER A 38 16.50 -10.48 3.14
N ARG A 39 15.30 -10.22 2.68
CA ARG A 39 15.00 -9.02 1.93
C ARG A 39 14.76 -7.81 2.81
N LEU A 40 14.73 -7.97 4.12
CA LEU A 40 14.67 -6.84 5.04
C LEU A 40 16.07 -6.35 5.38
N PRO A 41 16.30 -5.07 5.49
CA PRO A 41 17.65 -4.59 5.77
C PRO A 41 18.06 -4.75 7.23
N SER A 42 19.35 -4.80 7.46
CA SER A 42 19.92 -4.70 8.81
C SER A 42 20.14 -3.26 9.27
N GLU A 43 20.66 -2.36 8.43
CA GLU A 43 20.86 -0.98 8.83
C GLU A 43 19.51 -0.25 8.85
N GLY A 44 19.48 0.80 9.63
CA GLY A 44 18.34 1.67 9.66
C GLY A 44 17.25 1.17 10.58
N PRO A 45 16.12 1.82 10.55
CA PRO A 45 15.00 1.44 11.40
C PRO A 45 14.52 0.03 11.08
N ARG A 46 14.05 -0.66 12.13
CA ARG A 46 13.69 -2.08 12.07
C ARG A 46 12.26 -2.29 12.55
N PRO A 47 11.48 -3.15 11.92
CA PRO A 47 10.11 -3.39 12.36
C PRO A 47 10.14 -4.03 13.72
N ALA A 48 9.05 -3.81 14.46
CA ALA A 48 8.90 -4.43 15.76
C ALA A 48 8.60 -5.90 15.67
N HIS A 49 7.90 -6.35 14.64
CA HIS A 49 7.46 -7.73 14.52
C HIS A 49 7.58 -8.17 13.07
N VAL A 50 8.14 -9.33 12.85
CA VAL A 50 8.27 -9.94 11.53
C VAL A 50 7.53 -11.28 11.51
N VAL A 51 6.57 -11.44 10.62
CA VAL A 51 5.88 -12.70 10.36
C VAL A 51 6.40 -13.22 9.05
N VAL A 52 6.90 -14.44 9.04
CA VAL A 52 7.33 -15.08 7.81
C VAL A 52 6.15 -15.89 7.25
N GLY A 53 5.81 -15.57 6.01
CA GLY A 53 4.71 -16.25 5.33
C GLY A 53 4.28 -15.52 4.10
N ASP A 54 3.09 -15.87 3.63
CA ASP A 54 2.62 -15.51 2.31
C ASP A 54 1.26 -14.84 2.37
N VAL A 55 1.08 -13.76 1.63
CA VAL A 55 -0.24 -13.08 1.66
C VAL A 55 -1.34 -13.95 1.09
N LEU A 56 -1.01 -15.01 0.37
CA LEU A 56 -1.99 -15.95 -0.17
C LEU A 56 -2.44 -17.00 0.84
N GLN A 57 -1.82 -17.04 1.99
CA GLN A 57 -2.17 -17.97 3.07
C GLN A 57 -2.96 -17.20 4.12
N ALA A 58 -4.24 -17.50 4.23
CA ALA A 58 -5.09 -16.78 5.17
C ALA A 58 -4.52 -16.78 6.56
N ALA A 59 -3.94 -17.90 7.01
CA ALA A 59 -3.49 -17.96 8.40
C ALA A 59 -2.31 -17.01 8.63
N ASP A 60 -1.45 -16.84 7.61
CA ASP A 60 -0.30 -15.96 7.73
C ASP A 60 -0.76 -14.48 7.81
N VAL A 61 -1.74 -14.17 6.96
CA VAL A 61 -2.33 -12.83 6.99
C VAL A 61 -3.04 -12.57 8.31
N ASP A 62 -3.78 -13.54 8.80
CA ASP A 62 -4.47 -13.35 10.08
C ASP A 62 -3.50 -13.04 11.21
N LYS A 63 -2.39 -13.75 11.29
CA LYS A 63 -1.37 -13.54 12.28
C LYS A 63 -0.77 -12.13 12.20
N THR A 64 -0.72 -11.59 11.02
CA THR A 64 -0.11 -10.26 10.76
C THR A 64 -1.07 -9.15 11.12
N VAL A 65 -2.37 -9.34 10.84
CA VAL A 65 -3.37 -8.30 11.06
C VAL A 65 -3.83 -8.27 12.51
N ALA A 66 -3.74 -9.37 13.24
CA ALA A 66 -4.22 -9.38 14.62
C ALA A 66 -3.60 -8.28 15.45
N GLY A 67 -4.39 -7.54 16.18
CA GLY A 67 -3.96 -6.52 17.10
C GLY A 67 -3.59 -5.19 16.48
N GLN A 68 -3.68 -5.03 15.16
CA GLN A 68 -3.30 -3.77 14.53
C GLN A 68 -4.41 -2.74 14.63
N ASP A 69 -3.99 -1.50 14.44
CA ASP A 69 -4.90 -0.36 14.32
C ASP A 69 -5.18 0.00 12.86
N ALA A 70 -4.30 -0.30 11.93
CA ALA A 70 -4.46 0.00 10.52
C ALA A 70 -3.52 -0.90 9.72
N VAL A 71 -3.78 -0.97 8.43
CA VAL A 71 -3.03 -1.76 7.49
C VAL A 71 -2.61 -0.92 6.30
N ILE A 72 -1.36 -1.04 5.88
CA ILE A 72 -0.83 -0.46 4.67
C ILE A 72 -0.53 -1.59 3.70
N VAL A 73 -1.00 -1.46 2.47
CA VAL A 73 -0.83 -2.45 1.40
C VAL A 73 0.01 -1.87 0.26
N LEU A 74 1.18 -2.46 0.07
CA LEU A 74 2.15 -2.12 -0.97
C LEU A 74 2.57 -3.38 -1.67
N LEU A 75 1.65 -4.33 -1.85
CA LEU A 75 1.86 -5.53 -2.63
C LEU A 75 2.07 -5.18 -4.09
N GLY A 76 2.82 -6.04 -4.78
CA GLY A 76 3.06 -5.86 -6.18
C GLY A 76 3.71 -7.12 -6.69
N THR A 77 4.07 -7.10 -7.94
CA THR A 77 4.63 -8.21 -8.65
C THR A 77 6.09 -8.07 -9.13
N ARG A 78 6.81 -7.06 -8.59
CA ARG A 78 8.21 -6.78 -8.97
C ARG A 78 8.22 -6.63 -10.49
N ASN A 79 9.01 -7.37 -11.24
CA ASN A 79 9.10 -7.10 -12.67
C ASN A 79 8.26 -8.09 -13.48
N ASP A 80 7.45 -8.89 -12.75
CA ASP A 80 6.57 -9.86 -13.40
C ASP A 80 5.29 -9.21 -13.87
N LEU A 81 5.07 -9.17 -15.19
CA LEU A 81 3.90 -8.51 -15.77
C LEU A 81 2.85 -9.48 -16.27
N SER A 82 3.03 -10.75 -15.92
CA SER A 82 2.07 -11.73 -16.45
C SER A 82 0.70 -11.64 -15.75
N PRO A 83 -0.32 -12.23 -16.36
CA PRO A 83 -1.65 -12.31 -15.69
C PRO A 83 -1.50 -12.83 -14.27
N THR A 84 -2.27 -12.23 -13.39
CA THR A 84 -2.05 -12.46 -11.98
C THR A 84 -3.27 -12.15 -11.12
N THR A 85 -3.39 -12.87 -10.00
CA THR A 85 -4.40 -12.56 -8.99
C THR A 85 -3.76 -12.42 -7.60
N VAL A 86 -2.43 -12.29 -7.55
CA VAL A 86 -1.76 -12.25 -6.25
C VAL A 86 -2.25 -11.09 -5.39
N MET A 87 -2.32 -9.88 -5.98
CA MET A 87 -2.71 -8.73 -5.20
C MET A 87 -4.14 -8.80 -4.73
N SER A 88 -5.06 -9.18 -5.64
CA SER A 88 -6.47 -9.22 -5.24
C SER A 88 -6.78 -10.35 -4.28
N GLU A 89 -6.19 -11.53 -4.48
CA GLU A 89 -6.37 -12.61 -3.52
C GLU A 89 -5.76 -12.21 -2.20
N GLY A 90 -4.58 -11.58 -2.23
CA GLY A 90 -4.02 -11.07 -0.97
C GLY A 90 -4.95 -10.13 -0.27
N ALA A 91 -5.52 -9.18 -1.04
CA ALA A 91 -6.48 -8.23 -0.47
C ALA A 91 -7.69 -8.92 0.12
N ARG A 92 -8.22 -9.96 -0.52
CA ARG A 92 -9.31 -10.72 0.07
C ARG A 92 -8.95 -11.27 1.42
N ASN A 93 -7.75 -11.84 1.54
CA ASN A 93 -7.31 -12.34 2.85
C ASN A 93 -7.15 -11.24 3.86
N ILE A 94 -6.61 -10.08 3.44
CA ILE A 94 -6.43 -8.96 4.36
C ILE A 94 -7.78 -8.47 4.86
N VAL A 95 -8.79 -8.32 4.00
CA VAL A 95 -10.09 -7.88 4.39
C VAL A 95 -10.69 -8.87 5.40
N ALA A 96 -10.59 -10.18 5.10
CA ALA A 96 -11.14 -11.14 6.01
C ALA A 96 -10.49 -11.08 7.37
N ALA A 97 -9.16 -10.91 7.44
CA ALA A 97 -8.42 -10.84 8.65
C ALA A 97 -8.77 -9.53 9.40
N MET A 98 -8.91 -8.42 8.69
CA MET A 98 -9.32 -7.16 9.32
C MET A 98 -10.67 -7.30 10.03
N LYS A 99 -11.61 -7.92 9.32
CA LYS A 99 -12.97 -8.08 9.87
C LYS A 99 -12.93 -9.05 11.03
N ALA A 100 -12.12 -10.10 10.98
CA ALA A 100 -12.00 -11.03 12.08
C ALA A 100 -11.38 -10.42 13.33
N HIS A 101 -10.60 -9.36 13.17
CA HIS A 101 -9.86 -8.79 14.26
C HIS A 101 -10.26 -7.37 14.59
N GLY A 102 -11.29 -6.84 13.97
CA GLY A 102 -11.76 -5.52 14.38
C GLY A 102 -10.96 -4.36 13.86
N VAL A 103 -10.12 -4.60 12.84
CA VAL A 103 -9.33 -3.51 12.23
C VAL A 103 -10.12 -2.85 11.13
N ASP A 104 -10.15 -1.52 11.08
CA ASP A 104 -11.10 -0.87 10.17
C ASP A 104 -10.48 0.13 9.23
N LYS A 105 -9.16 0.27 9.12
CA LYS A 105 -8.50 1.27 8.29
C LYS A 105 -7.45 0.59 7.42
N VAL A 106 -7.57 0.77 6.11
CA VAL A 106 -6.60 0.21 5.16
C VAL A 106 -6.27 1.28 4.14
N VAL A 107 -4.98 1.42 3.91
CA VAL A 107 -4.45 2.33 2.90
C VAL A 107 -3.74 1.49 1.89
N ALA A 108 -4.17 1.45 0.63
CA ALA A 108 -3.61 0.50 -0.33
C ALA A 108 -3.27 1.14 -1.64
N CYS A 109 -2.12 0.74 -2.17
CA CYS A 109 -1.60 1.27 -3.41
C CYS A 109 -2.00 0.44 -4.63
N THR A 110 -2.59 1.09 -5.63
CA THR A 110 -2.81 0.47 -6.95
C THR A 110 -2.02 1.33 -7.93
N SER A 111 -2.64 2.08 -8.81
CA SER A 111 -1.96 2.93 -9.74
C SER A 111 -2.92 3.95 -10.34
N ALA A 112 -2.31 5.01 -10.85
CA ALA A 112 -3.03 6.09 -11.50
C ALA A 112 -3.77 5.60 -12.73
N PHE A 113 -3.47 4.43 -13.27
CA PHE A 113 -4.24 3.95 -14.40
C PHE A 113 -5.69 3.78 -14.02
N LEU A 114 -5.97 3.62 -12.74
CA LEU A 114 -7.36 3.44 -12.29
C LEU A 114 -8.08 4.79 -12.20
N LEU A 115 -7.39 5.90 -12.40
CA LEU A 115 -7.98 7.21 -12.57
C LEU A 115 -7.97 7.73 -14.00
N TRP A 116 -6.95 7.35 -14.76
CA TRP A 116 -6.77 7.87 -16.13
C TRP A 116 -7.67 7.16 -17.13
N ASP A 117 -7.69 7.58 -18.41
CA ASP A 117 -8.60 6.85 -19.28
C ASP A 117 -8.06 5.44 -19.50
N PRO A 118 -8.84 4.40 -19.23
CA PRO A 118 -8.33 3.01 -19.37
C PRO A 118 -7.77 2.68 -20.76
N THR A 119 -8.21 3.31 -21.83
CA THR A 119 -7.62 3.08 -23.15
C THR A 119 -6.16 3.50 -23.24
N LYS A 120 -5.68 4.24 -22.27
CA LYS A 120 -4.27 4.61 -22.18
C LYS A 120 -3.39 3.64 -21.42
N VAL A 121 -3.86 2.47 -20.98
CA VAL A 121 -2.88 1.60 -20.30
C VAL A 121 -1.95 0.97 -21.34
N PRO A 122 -0.63 1.08 -21.26
CA PRO A 122 0.28 0.34 -22.15
C PRO A 122 -0.08 -1.14 -22.14
N PRO A 123 -0.15 -1.79 -23.28
CA PRO A 123 -0.51 -3.22 -23.34
C PRO A 123 0.26 -4.09 -22.32
N ARG A 124 1.54 -3.84 -22.12
CA ARG A 124 2.35 -4.70 -21.29
C ARG A 124 1.95 -4.58 -19.83
N LEU A 125 1.29 -3.50 -19.45
CA LEU A 125 0.86 -3.33 -18.04
C LEU A 125 -0.60 -3.65 -17.80
N GLN A 126 -1.32 -4.11 -18.84
CA GLN A 126 -2.73 -4.36 -18.66
C GLN A 126 -3.08 -5.48 -17.71
N ALA A 127 -2.34 -6.58 -17.71
CA ALA A 127 -2.64 -7.71 -16.83
C ALA A 127 -2.51 -7.35 -15.37
N VAL A 128 -1.43 -6.64 -15.01
CA VAL A 128 -1.25 -6.16 -13.65
C VAL A 128 -2.35 -5.15 -13.31
N THR A 129 -2.67 -4.25 -14.23
CA THR A 129 -3.75 -3.27 -14.02
C THR A 129 -5.05 -3.99 -13.78
N ASP A 130 -5.36 -5.07 -14.51
CA ASP A 130 -6.62 -5.76 -14.29
C ASP A 130 -6.69 -6.27 -12.86
N ASP A 131 -5.55 -6.73 -12.29
CA ASP A 131 -5.57 -7.21 -10.91
C ASP A 131 -5.59 -6.05 -9.92
N HIS A 132 -4.98 -4.93 -10.23
CA HIS A 132 -5.21 -3.75 -9.41
C HIS A 132 -6.67 -3.40 -9.30
N ILE A 133 -7.39 -3.49 -10.43
CA ILE A 133 -8.83 -3.17 -10.42
C ILE A 133 -9.57 -4.18 -9.58
N ARG A 134 -9.22 -5.48 -9.68
CA ARG A 134 -9.86 -6.46 -8.80
C ARG A 134 -9.57 -6.14 -7.36
N MET A 135 -8.32 -5.78 -7.02
CA MET A 135 -8.00 -5.43 -5.66
C MET A 135 -8.75 -4.22 -5.14
N HIS A 136 -8.86 -3.18 -5.97
CA HIS A 136 -9.59 -2.00 -5.59
C HIS A 136 -11.03 -2.34 -5.33
N LYS A 137 -11.63 -3.19 -6.14
CA LYS A 137 -13.02 -3.59 -5.94
C LYS A 137 -13.19 -4.27 -4.58
N VAL A 138 -12.32 -5.22 -4.26
CA VAL A 138 -12.34 -5.94 -3.01
C VAL A 138 -12.30 -4.96 -1.84
N LEU A 139 -11.40 -3.99 -1.91
CA LEU A 139 -11.24 -3.04 -0.81
C LEU A 139 -12.42 -2.08 -0.74
N ARG A 140 -12.92 -1.58 -1.85
CA ARG A 140 -14.04 -0.68 -1.87
C ARG A 140 -15.30 -1.31 -1.36
N GLU A 141 -15.50 -2.61 -1.62
CA GLU A 141 -16.71 -3.27 -1.23
C GLU A 141 -16.67 -3.86 0.15
N SER A 142 -15.52 -3.80 0.79
CA SER A 142 -15.33 -4.38 2.10
C SER A 142 -16.11 -3.65 3.20
N GLY A 143 -16.50 -2.38 3.01
N GLY A 143 -16.39 -2.41 2.81
CA GLY A 143 -17.17 -1.71 4.15
CA GLY A 143 -16.97 -1.28 3.49
C GLY A 143 -16.19 -1.34 5.26
C GLY A 143 -16.13 -0.77 4.65
N LEU A 144 -14.91 -1.26 4.88
CA LEU A 144 -13.92 -0.73 5.80
C LEU A 144 -13.50 0.65 5.36
N LYS A 145 -12.84 1.39 6.23
CA LYS A 145 -12.33 2.70 5.86
C LYS A 145 -11.09 2.50 5.00
N TYR A 146 -11.19 2.86 3.74
CA TYR A 146 -10.25 2.50 2.70
C TYR A 146 -9.80 3.76 1.97
N VAL A 147 -8.51 4.01 1.99
CA VAL A 147 -7.90 5.07 1.19
C VAL A 147 -7.21 4.38 0.00
N ALA A 148 -7.67 4.70 -1.20
CA ALA A 148 -7.10 4.17 -2.43
C ALA A 148 -6.00 5.14 -2.89
N VAL A 149 -4.77 4.67 -2.93
CA VAL A 149 -3.63 5.49 -3.38
C VAL A 149 -3.26 5.01 -4.79
N MET A 150 -3.33 5.94 -5.73
CA MET A 150 -3.21 5.61 -7.16
C MET A 150 -2.07 6.42 -7.76
N PRO A 151 -0.84 6.01 -7.50
CA PRO A 151 0.30 6.84 -7.96
C PRO A 151 0.64 6.72 -9.45
N PRO A 152 1.29 7.70 -9.99
CA PRO A 152 1.89 7.66 -11.33
C PRO A 152 3.19 6.92 -11.21
N HIS A 153 4.13 7.16 -12.11
CA HIS A 153 5.45 6.53 -12.07
C HIS A 153 6.09 6.75 -10.72
N ILE A 154 6.61 5.68 -10.14
CA ILE A 154 7.30 5.72 -8.87
C ILE A 154 8.80 5.86 -9.15
N GLY A 155 9.37 6.98 -8.72
CA GLY A 155 10.76 7.25 -8.91
C GLY A 155 11.64 7.13 -7.67
N ASP A 156 12.91 7.53 -7.85
CA ASP A 156 13.90 7.41 -6.78
C ASP A 156 14.33 8.76 -6.23
N GLN A 157 13.58 9.82 -6.49
CA GLN A 157 13.95 11.14 -6.04
C GLN A 157 13.92 11.19 -4.52
N PRO A 158 14.54 12.16 -3.87
CA PRO A 158 14.48 12.25 -2.44
C PRO A 158 13.09 12.43 -1.86
N LEU A 159 13.04 12.16 -0.57
CA LEU A 159 11.91 12.51 0.28
C LEU A 159 11.77 14.02 0.37
N THR A 160 10.60 14.54 0.14
CA THR A 160 10.33 15.95 0.26
C THR A 160 9.16 16.25 1.19
N GLY A 161 8.14 15.39 1.26
CA GLY A 161 6.93 15.76 2.03
C GLY A 161 6.20 16.92 1.44
N ALA A 162 6.47 17.32 0.23
CA ALA A 162 5.98 18.57 -0.41
C ALA A 162 5.14 18.33 -1.65
N TYR A 163 4.83 17.10 -1.93
CA TYR A 163 4.02 16.67 -3.06
C TYR A 163 2.58 17.17 -2.92
N THR A 164 1.83 17.11 -4.01
CA THR A 164 0.46 17.50 -4.15
C THR A 164 -0.42 16.25 -4.23
N VAL A 165 -1.56 16.28 -3.59
CA VAL A 165 -2.52 15.13 -3.65
C VAL A 165 -3.79 15.64 -4.26
N THR A 166 -4.17 15.08 -5.40
CA THR A 166 -5.44 15.40 -6.00
C THR A 166 -6.33 14.16 -5.92
N LEU A 167 -7.58 14.35 -6.29
CA LEU A 167 -8.54 13.25 -6.24
C LEU A 167 -8.91 12.74 -7.62
N ASP A 168 -8.29 13.25 -8.69
CA ASP A 168 -8.75 12.86 -10.04
C ASP A 168 -7.66 12.48 -10.98
N GLY A 169 -6.42 12.39 -10.56
CA GLY A 169 -5.39 11.90 -11.47
C GLY A 169 -4.75 12.99 -12.28
N ARG A 170 -5.20 14.21 -12.09
CA ARG A 170 -4.51 15.37 -12.68
C ARG A 170 -3.59 15.93 -11.60
N GLY A 171 -2.46 16.50 -11.93
CA GLY A 171 -1.63 17.12 -10.91
C GLY A 171 -0.38 17.68 -11.56
N PRO A 172 0.49 18.18 -10.70
CA PRO A 172 1.71 18.86 -11.23
C PRO A 172 2.62 17.93 -12.01
N SER A 173 2.61 16.61 -11.89
CA SER A 173 3.48 15.78 -12.70
C SER A 173 2.86 14.39 -12.80
N ARG A 174 3.60 13.55 -13.48
CA ARG A 174 3.27 12.13 -13.62
C ARG A 174 4.36 11.31 -12.91
N VAL A 175 4.95 11.86 -11.82
CA VAL A 175 5.91 11.07 -11.03
C VAL A 175 5.73 11.40 -9.56
N ILE A 176 5.98 10.40 -8.74
CA ILE A 176 6.06 10.53 -7.29
C ILE A 176 7.28 9.74 -6.84
N SER A 177 8.11 10.29 -5.96
CA SER A 177 9.19 9.47 -5.44
C SER A 177 8.66 8.36 -4.53
N LYS A 178 9.34 7.22 -4.52
CA LYS A 178 8.96 6.14 -3.62
C LYS A 178 8.92 6.64 -2.19
N HIS A 179 9.85 7.53 -1.80
CA HIS A 179 9.89 8.03 -0.44
C HIS A 179 8.67 8.89 -0.15
N ASP A 180 8.31 9.77 -1.08
CA ASP A 180 7.12 10.61 -0.91
C ASP A 180 5.83 9.77 -0.93
N LEU A 181 5.79 8.72 -1.75
CA LEU A 181 4.63 7.83 -1.77
C LEU A 181 4.46 7.19 -0.39
N GLY A 182 5.56 6.71 0.20
CA GLY A 182 5.48 6.13 1.53
C GLY A 182 5.05 7.17 2.58
N HIS A 183 5.58 8.36 2.51
CA HIS A 183 5.21 9.45 3.40
C HIS A 183 3.71 9.70 3.31
N PHE A 184 3.17 9.66 2.08
CA PHE A 184 1.74 9.89 1.92
C PHE A 184 0.93 8.74 2.51
N MET A 185 1.38 7.51 2.30
CA MET A 185 0.64 6.38 2.92
C MET A 185 0.55 6.55 4.42
N LEU A 186 1.64 7.03 5.05
CA LEU A 186 1.63 7.27 6.47
C LEU A 186 0.74 8.46 6.84
N ARG A 187 0.72 9.51 6.02
CA ARG A 187 -0.17 10.65 6.29
C ARG A 187 -1.62 10.20 6.39
N CYS A 188 -1.98 9.23 5.55
CA CYS A 188 -3.35 8.75 5.51
C CYS A 188 -3.75 8.05 6.80
N LEU A 189 -2.81 7.67 7.64
CA LEU A 189 -3.13 7.11 8.97
C LEU A 189 -3.60 8.14 9.97
N THR A 190 -3.37 9.43 9.71
CA THR A 190 -3.70 10.41 10.75
C THR A 190 -4.76 11.39 10.30
N THR A 191 -5.43 11.08 9.21
CA THR A 191 -6.58 11.87 8.80
C THR A 191 -7.66 10.92 8.27
N ASP A 192 -8.92 11.35 8.36
CA ASP A 192 -10.01 10.62 7.69
C ASP A 192 -10.34 11.28 6.35
N GLU A 193 -9.66 12.33 5.93
CA GLU A 193 -10.16 13.16 4.82
C GLU A 193 -10.11 12.43 3.48
N TYR A 194 -9.32 11.38 3.35
CA TYR A 194 -9.28 10.61 2.13
C TYR A 194 -10.04 9.29 2.22
N ASP A 195 -10.66 8.92 3.34
CA ASP A 195 -11.38 7.66 3.44
C ASP A 195 -12.50 7.68 2.41
N GLY A 196 -12.57 6.61 1.64
CA GLY A 196 -13.57 6.43 0.62
C GLY A 196 -13.27 7.11 -0.69
N HIS A 197 -12.07 7.71 -0.78
CA HIS A 197 -11.63 8.40 -1.95
C HIS A 197 -10.45 7.72 -2.64
N SER A 198 -10.25 8.12 -3.87
CA SER A 198 -9.05 7.79 -4.67
C SER A 198 -8.18 9.02 -4.66
N THR A 199 -6.88 8.78 -4.51
CA THR A 199 -5.90 9.85 -4.32
C THR A 199 -4.75 9.68 -5.31
N TYR A 200 -4.21 10.80 -5.76
CA TYR A 200 -3.19 10.87 -6.77
C TYR A 200 -2.08 11.77 -6.27
N PRO A 201 -1.02 11.20 -5.70
CA PRO A 201 0.14 11.99 -5.26
C PRO A 201 1.12 12.20 -6.41
N SER A 202 1.58 13.45 -6.59
CA SER A 202 2.58 13.72 -7.61
C SER A 202 3.35 14.99 -7.19
N HIS A 203 4.51 15.16 -7.84
CA HIS A 203 5.38 16.29 -7.53
C HIS A 203 6.33 16.57 -8.65
N GLN A 204 6.69 17.84 -8.84
CA GLN A 204 7.78 18.20 -9.71
C GLN A 204 9.06 18.32 -8.92
N TYR A 205 10.00 17.42 -9.11
CA TYR A 205 11.27 17.30 -8.40
C TYR A 205 12.34 18.21 -9.03
PA NAP B . 7.30 -4.06 -5.66
O1A NAP B . 6.76 -4.80 -6.77
O2A NAP B . 8.70 -3.51 -5.65
O5B NAP B . 7.16 -4.99 -4.36
C5B NAP B . 6.07 -5.92 -4.28
C4B NAP B . 6.02 -6.29 -2.79
O4B NAP B . 4.95 -7.29 -2.69
C3B NAP B . 7.26 -7.04 -2.27
O3B NAP B . 7.40 -6.72 -0.89
C2B NAP B . 6.86 -8.48 -2.46
O2B NAP B . 7.60 -9.39 -1.63
C1B NAP B . 5.40 -8.42 -1.99
N9A NAP B . 4.73 -9.64 -2.41
C8A NAP B . 4.45 -10.10 -3.68
N7A NAP B . 3.82 -11.28 -3.65
C5A NAP B . 3.68 -11.56 -2.33
C6A NAP B . 3.10 -12.68 -1.68
N6A NAP B . 2.56 -13.71 -2.31
N1A NAP B . 3.10 -12.67 -0.27
C2A NAP B . 3.66 -11.63 0.47
N3A NAP B . 4.18 -10.51 -0.14
C4A NAP B . 4.22 -10.52 -1.54
O3 NAP B . 6.40 -2.82 -5.42
PN NAP B . 6.47 -1.30 -5.70
O1N NAP B . 7.34 -1.11 -6.86
O2N NAP B . 6.77 -0.51 -4.47
O5D NAP B . 4.99 -1.04 -6.22
C5D NAP B . 3.90 -0.86 -5.29
C4D NAP B . 2.61 -0.94 -6.06
O4D NAP B . 2.55 0.20 -6.92
C3D NAP B . 2.52 -2.19 -7.02
O3D NAP B . 1.22 -2.79 -7.00
C2D NAP B . 2.81 -1.59 -8.40
O2D NAP B . 2.15 -2.28 -9.45
C1D NAP B . 2.13 -0.25 -8.26
N1N NAP B . 2.69 0.84 -9.06
C2N NAP B . 4.06 0.83 -9.56
C3N NAP B . 4.46 1.91 -10.36
C7N NAP B . 5.90 1.97 -10.91
O7N NAP B . 6.19 3.04 -11.43
N7N NAP B . 6.67 0.94 -10.62
C4N NAP B . 3.56 3.05 -10.63
C5N NAP B . 2.22 3.05 -10.11
C6N NAP B . 1.79 1.91 -9.34
P2B NAP B . 9.04 -10.00 -1.97
O1X NAP B . 10.09 -9.00 -1.53
O2X NAP B . 9.04 -11.25 -1.15
O3X NAP B . 9.14 -10.20 -3.49
CHA BLA C . 5.48 5.52 -16.05
NA BLA C . 6.72 3.56 -16.79
C1A BLA C . 6.40 4.90 -16.91
C2A BLA C . 7.15 5.50 -18.02
C3A BLA C . 7.90 4.50 -18.53
C4A BLA C . 7.63 3.28 -17.76
CMA BLA C . 8.87 4.56 -19.69
CAA BLA C . 7.09 6.95 -18.50
CBA BLA C . 6.46 7.11 -19.93
CGA BLA C . 6.70 5.95 -20.90
O1A BLA C . 7.42 6.01 -21.94
O2A BLA C . 5.89 4.85 -20.73
CHB BLA C . 8.20 2.02 -17.95
NB BLA C . 6.44 0.65 -17.03
C1B BLA C . 7.72 0.78 -17.53
C2B BLA C . 8.43 -0.53 -17.52
C3B BLA C . 7.53 -1.45 -16.99
C4B BLA C . 6.33 -0.68 -16.72
CMB BLA C . 9.87 -0.78 -17.99
OB BLA C . 5.30 -1.14 -16.23
CAB BLA C . 7.57 -2.82 -16.73
CBB BLA C . 8.69 -3.54 -16.30
NC BLA C . 4.90 0.68 -13.84
C1C BLA C . 5.18 -0.64 -13.51
C2C BLA C . 4.05 -1.31 -12.94
C3C BLA C . 3.06 -0.39 -12.91
C4C BLA C . 3.59 0.89 -13.51
CMC BLA C . 4.13 -2.76 -12.48
OC BLA C . 6.27 -1.21 -13.67
CAC BLA C . 1.75 -0.65 -12.44
CBC BLA C . 0.75 -1.12 -13.40
CHD BLA C . 2.89 2.09 -13.68
ND BLA C . 4.49 3.54 -14.92
C1D BLA C . 3.30 3.29 -14.27
C2D BLA C . 2.48 4.50 -14.27
C3D BLA C . 3.18 5.46 -14.93
C4D BLA C . 4.43 4.86 -15.33
CMD BLA C . 1.08 4.68 -13.65
CAD BLA C . 2.72 6.88 -15.15
CBD BLA C . 3.96 7.70 -15.61
CGD BLA C . 3.53 8.74 -16.65
O1D BLA C . 2.35 9.09 -16.77
O2D BLA C . 4.40 9.25 -17.56
#